data_3VIG
#
_entry.id   3VIG
#
_cell.length_a   93.108
_cell.length_b   68.559
_cell.length_c   75.144
_cell.angle_alpha   90.00
_cell.angle_beta   95.54
_cell.angle_gamma   90.00
#
_symmetry.space_group_name_H-M   'C 1 2 1'
#
loop_
_entity.id
_entity.type
_entity.pdbx_description
1 polymer Beta-glucosidase
2 non-polymer 1-DEOXYNOJIRIMYCIN
3 non-polymer '4-(2-HYDROXYETHYL)-1-PIPERAZINE ETHANESULFONIC ACID'
4 non-polymer GLYCEROL
5 non-polymer 'SODIUM ION'
6 non-polymer 'CHLORIDE ION'
7 water water
#
_entity_poly.entity_id   1
_entity_poly.type   'polypeptide(L)'
_entity_poly.pdbx_seq_one_letter_code
;MDVASSDTVYTFPDEFKLGAATASYQIEGAWDENGKGPNIWDTLTHEHPDYVVDGATGDIADDSYHLYKEDVKILKELGA
QVYRFSISWARVLPEGHDNIVNQDGIDYYNNLINELLANGIEPMVTMYHWDLPQALQDLGGWPNLVLAKYSENYARVLFK
NFGDRVKLWLTFNEPLTFMDGYASEIGMAPSINTPGIGDYLAAHTVIHAHARIYHLYDQEFRAEQGGKVGISLNINWCEP
ATNSAEDRASCENYQQFNLGLYAHPIFTEEGDYPAVLKDRVSRNSADEGYTDSRLPQFTAEEVEYIRGTHDFLGINFYTA
LLGKSGVEGYEPSRYRDSGVILTQDAAWPISASSWLKVVPWGFRKELNWIKNEYNNPPVFITENGFSDYGGLNDTGRVHY
YTEHLKEMLKAIHEDGVNVIGYTAWSLMDNFEWLRGYSEKFGIYAVDFEDPARPRIPKESAKVLAEIMNTRKIPERFRDL
EHHHHHH
;
_entity_poly.pdbx_strand_id   A
#
# COMPACT_ATOMS: atom_id res chain seq x y z
N THR A 8 15.59 25.83 -6.67
CA THR A 8 14.94 25.41 -5.40
C THR A 8 13.84 24.38 -5.63
N VAL A 9 12.99 24.62 -6.63
CA VAL A 9 11.85 23.73 -6.90
C VAL A 9 12.31 22.34 -7.37
N TYR A 10 13.59 22.22 -7.70
CA TYR A 10 14.19 20.96 -8.15
C TYR A 10 15.06 20.27 -7.08
N THR A 11 15.12 20.84 -5.88
CA THR A 11 15.97 20.31 -4.80
C THR A 11 15.14 19.69 -3.66
N PHE A 12 15.55 18.53 -3.18
CA PHE A 12 14.84 17.92 -2.06
C PHE A 12 15.16 18.64 -0.76
N PRO A 13 14.17 18.83 0.12
CA PRO A 13 14.46 19.35 1.45
C PRO A 13 15.51 18.49 2.15
N ASP A 14 16.34 19.11 2.99
CA ASP A 14 17.46 18.41 3.62
C ASP A 14 17.08 17.16 4.38
N GLU A 15 15.95 17.22 5.09
CA GLU A 15 15.53 16.07 5.92
C GLU A 15 14.64 15.05 5.20
N PHE A 16 14.31 15.30 3.94
CA PHE A 16 13.44 14.44 3.16
C PHE A 16 14.10 13.08 2.94
N LYS A 17 13.37 11.98 3.14
CA LYS A 17 13.95 10.64 3.02
C LYS A 17 13.59 9.96 1.72
N LEU A 18 14.61 9.52 0.98
CA LEU A 18 14.43 8.84 -0.31
C LEU A 18 14.84 7.38 -0.20
N GLY A 19 14.08 6.50 -0.83
CA GLY A 19 14.44 5.09 -0.84
C GLY A 19 13.62 4.27 -1.81
N ALA A 20 13.44 2.99 -1.47
CA ALA A 20 12.72 2.05 -2.31
C ALA A 20 11.93 1.07 -1.42
N ALA A 21 11.01 0.34 -2.04
CA ALA A 21 10.03 -0.47 -1.32
C ALA A 21 9.82 -1.85 -1.95
N THR A 22 9.48 -2.80 -1.08
CA THR A 22 9.07 -4.16 -1.44
C THR A 22 7.96 -4.62 -0.48
N ALA A 23 7.49 -5.85 -0.70
CA ALA A 23 6.53 -6.52 0.18
C ALA A 23 6.92 -8.00 0.27
N SER A 24 6.61 -8.61 1.41
CA SER A 24 7.07 -9.94 1.74
C SER A 24 6.70 -11.03 0.73
N TYR A 25 5.43 -11.20 0.43
CA TYR A 25 5.05 -12.27 -0.48
C TYR A 25 5.63 -12.04 -1.87
N GLN A 26 5.79 -10.77 -2.24
CA GLN A 26 6.30 -10.46 -3.56
C GLN A 26 7.76 -10.81 -3.77
N ILE A 27 8.56 -10.89 -2.69
CA ILE A 27 9.99 -11.04 -2.82
C ILE A 27 10.59 -12.23 -2.08
N GLU A 28 9.99 -12.70 -0.99
CA GLU A 28 10.76 -13.54 -0.08
C GLU A 28 11.02 -14.97 -0.53
N GLY A 29 10.01 -15.58 -1.13
CA GLY A 29 10.02 -17.03 -1.31
C GLY A 29 10.00 -17.76 0.01
N ALA A 30 10.65 -18.93 0.05
CA ALA A 30 10.77 -19.71 1.28
C ALA A 30 9.41 -19.84 1.95
N TRP A 31 8.39 -20.14 1.15
CA TRP A 31 7.00 -20.03 1.59
C TRP A 31 6.61 -21.02 2.70
N ASP A 32 7.34 -22.13 2.80
CA ASP A 32 7.09 -23.12 3.86
C ASP A 32 8.37 -23.51 4.58
N GLU A 33 9.37 -22.64 4.55
CA GLU A 33 10.66 -22.96 5.12
C GLU A 33 10.71 -22.59 6.59
N ASN A 34 11.39 -23.43 7.37
CA ASN A 34 11.76 -23.14 8.75
C ASN A 34 10.58 -22.64 9.58
N GLY A 35 9.48 -23.37 9.49
CA GLY A 35 8.32 -23.13 10.35
C GLY A 35 7.29 -22.13 9.88
N LYS A 36 7.50 -21.46 8.75
CA LYS A 36 6.53 -20.50 8.27
C LYS A 36 5.20 -21.19 7.95
N GLY A 37 4.11 -20.61 8.43
CA GLY A 37 2.79 -21.13 8.15
C GLY A 37 2.22 -20.60 6.84
N PRO A 38 1.14 -21.23 6.35
CA PRO A 38 0.58 -20.84 5.07
C PRO A 38 -0.25 -19.57 5.19
N ASN A 39 -0.19 -18.75 4.13
CA ASN A 39 -1.02 -17.55 4.05
C ASN A 39 -1.96 -17.65 2.84
N ILE A 40 -2.81 -16.64 2.70
CA ILE A 40 -3.85 -16.68 1.69
C ILE A 40 -3.30 -16.61 0.26
N TRP A 41 -2.08 -16.09 0.10
CA TRP A 41 -1.46 -16.06 -1.23
C TRP A 41 -0.80 -17.41 -1.56
N ASP A 42 -0.23 -18.10 -0.58
CA ASP A 42 0.10 -19.51 -0.78
C ASP A 42 -1.13 -20.26 -1.26
N THR A 43 -2.25 -20.07 -0.58
CA THR A 43 -3.47 -20.78 -0.95
C THR A 43 -3.92 -20.42 -2.36
N LEU A 44 -3.97 -19.14 -2.67
CA LEU A 44 -4.43 -18.72 -4.00
C LEU A 44 -3.56 -19.31 -5.10
N THR A 45 -2.25 -19.13 -4.97
CA THR A 45 -1.36 -19.52 -6.07
C THR A 45 -1.24 -21.04 -6.20
N HIS A 46 -1.45 -21.77 -5.10
CA HIS A 46 -1.41 -23.22 -5.13
C HIS A 46 -2.70 -23.86 -5.58
N GLU A 47 -3.83 -23.32 -5.13
CA GLU A 47 -5.12 -23.92 -5.44
C GLU A 47 -5.77 -23.34 -6.67
N HIS A 48 -5.44 -22.09 -6.98
CA HIS A 48 -6.07 -21.37 -8.09
C HIS A 48 -5.08 -20.73 -9.04
N PRO A 49 -4.17 -21.54 -9.62
CA PRO A 49 -3.22 -20.97 -10.58
C PRO A 49 -3.90 -20.35 -11.80
N ASP A 50 -5.12 -20.78 -12.07
CA ASP A 50 -5.93 -20.17 -13.13
C ASP A 50 -6.26 -18.71 -12.88
N TYR A 51 -6.07 -18.22 -11.66
CA TYR A 51 -6.31 -16.80 -11.38
C TYR A 51 -5.11 -15.92 -11.70
N VAL A 52 -3.96 -16.53 -11.97
CA VAL A 52 -2.68 -15.83 -12.03
C VAL A 52 -2.05 -16.01 -13.43
N VAL A 53 -1.52 -14.92 -13.98
CA VAL A 53 -0.81 -15.02 -15.25
C VAL A 53 0.29 -16.08 -15.13
N ASP A 54 0.33 -16.97 -16.10
CA ASP A 54 1.35 -18.03 -16.19
C ASP A 54 1.23 -19.06 -15.06
N GLY A 55 0.17 -19.01 -14.25
CA GLY A 55 0.13 -19.88 -13.06
C GLY A 55 1.29 -19.63 -12.12
N ALA A 56 1.78 -18.41 -12.08
CA ALA A 56 2.95 -18.08 -11.27
C ALA A 56 2.62 -18.19 -9.78
N THR A 57 3.66 -18.46 -8.99
CA THR A 57 3.54 -18.45 -7.53
C THR A 57 4.66 -17.62 -6.92
N GLY A 58 4.48 -17.24 -5.65
CA GLY A 58 5.55 -16.67 -4.85
C GLY A 58 6.38 -17.70 -4.10
N ASP A 59 6.42 -18.96 -4.54
CA ASP A 59 7.12 -19.96 -3.77
C ASP A 59 8.60 -19.60 -3.59
N ILE A 60 9.20 -19.03 -4.64
CA ILE A 60 10.59 -18.57 -4.60
CA ILE A 60 10.59 -18.57 -4.62
C ILE A 60 10.67 -17.05 -4.80
N ALA A 61 9.97 -16.52 -5.81
CA ALA A 61 10.00 -15.07 -6.06
C ALA A 61 11.45 -14.61 -6.19
N ASP A 62 11.84 -13.54 -5.52
CA ASP A 62 13.23 -13.06 -5.56
C ASP A 62 14.15 -13.79 -4.60
N ASP A 63 13.60 -14.75 -3.87
CA ASP A 63 14.34 -15.51 -2.87
C ASP A 63 15.00 -14.61 -1.83
N SER A 64 14.32 -13.51 -1.49
CA SER A 64 14.87 -12.58 -0.51
C SER A 64 14.96 -13.14 0.90
N TYR A 65 14.25 -14.22 1.20
CA TYR A 65 14.48 -14.89 2.48
C TYR A 65 15.94 -15.34 2.60
N HIS A 66 16.50 -15.84 1.50
CA HIS A 66 17.90 -16.25 1.48
C HIS A 66 18.85 -15.14 1.07
N LEU A 67 18.37 -14.24 0.20
CA LEU A 67 19.22 -13.26 -0.47
C LEU A 67 19.09 -11.85 0.09
N TYR A 68 18.60 -11.71 1.31
CA TYR A 68 18.41 -10.37 1.88
C TYR A 68 19.69 -9.51 1.86
N LYS A 69 20.86 -10.13 2.02
CA LYS A 69 22.08 -9.34 1.97
C LYS A 69 22.31 -8.72 0.58
N GLU A 70 21.88 -9.42 -0.46
CA GLU A 70 21.95 -8.87 -1.81
C GLU A 70 21.00 -7.68 -1.98
N ASP A 71 19.84 -7.73 -1.31
CA ASP A 71 18.91 -6.62 -1.35
C ASP A 71 19.55 -5.39 -0.70
N VAL A 72 20.19 -5.61 0.45
CA VAL A 72 20.86 -4.50 1.13
C VAL A 72 21.99 -3.94 0.26
N LYS A 73 22.73 -4.81 -0.41
CA LYS A 73 23.82 -4.38 -1.30
C LYS A 73 23.29 -3.44 -2.39
N ILE A 74 22.20 -3.81 -3.05
CA ILE A 74 21.65 -2.93 -4.08
C ILE A 74 21.03 -1.65 -3.51
N LEU A 75 20.44 -1.72 -2.32
CA LEU A 75 19.99 -0.48 -1.66
C LEU A 75 21.15 0.47 -1.39
N LYS A 76 22.29 -0.08 -0.96
CA LYS A 76 23.47 0.72 -0.67
C LYS A 76 24.02 1.34 -1.96
N GLU A 77 24.05 0.55 -3.04
CA GLU A 77 24.48 1.05 -4.35
C GLU A 77 23.57 2.19 -4.82
N LEU A 78 22.27 2.00 -4.64
CA LEU A 78 21.29 3.01 -4.98
C LEU A 78 21.47 4.29 -4.18
N GLY A 79 21.94 4.16 -2.94
CA GLY A 79 22.01 5.28 -2.01
C GLY A 79 20.72 5.53 -1.26
N ALA A 80 19.89 4.50 -1.15
CA ALA A 80 18.63 4.62 -0.39
C ALA A 80 18.92 5.02 1.06
N GLN A 81 18.16 5.99 1.57
CA GLN A 81 18.17 6.33 2.98
C GLN A 81 17.21 5.49 3.81
N VAL A 82 16.17 4.97 3.15
CA VAL A 82 15.13 4.18 3.80
CA VAL A 82 15.08 4.21 3.77
C VAL A 82 14.76 3.02 2.88
N TYR A 83 14.52 1.87 3.51
CA TYR A 83 13.99 0.71 2.82
C TYR A 83 12.67 0.33 3.45
N ARG A 84 11.60 0.43 2.67
CA ARG A 84 10.27 -0.01 3.10
C ARG A 84 10.08 -1.46 2.67
N PHE A 85 9.83 -2.31 3.66
CA PHE A 85 9.59 -3.73 3.41
C PHE A 85 8.44 -4.15 4.30
N SER A 86 7.87 -5.32 4.05
CA SER A 86 6.83 -5.83 4.93
C SER A 86 7.27 -7.10 5.66
N ILE A 87 6.58 -7.37 6.75
CA ILE A 87 6.79 -8.59 7.52
C ILE A 87 5.67 -9.57 7.23
N SER A 88 6.04 -10.81 6.98
CA SER A 88 5.09 -11.89 6.73
C SER A 88 4.49 -12.38 8.03
N TRP A 89 3.22 -12.12 8.26
CA TRP A 89 2.56 -12.50 9.51
C TRP A 89 2.79 -13.98 9.81
N ALA A 90 2.56 -14.85 8.81
CA ALA A 90 2.64 -16.28 9.06
C ALA A 90 4.09 -16.78 9.18
N ARG A 91 5.08 -15.97 8.78
CA ARG A 91 6.46 -16.34 9.08
C ARG A 91 6.80 -16.13 10.55
N VAL A 92 6.14 -15.16 11.18
CA VAL A 92 6.36 -14.82 12.59
C VAL A 92 5.42 -15.59 13.53
N LEU A 93 4.15 -15.62 13.18
CA LEU A 93 3.10 -16.32 13.92
C LEU A 93 2.46 -17.33 12.98
N PRO A 94 3.03 -18.56 12.90
CA PRO A 94 2.61 -19.48 11.85
C PRO A 94 1.15 -19.89 11.95
N GLU A 95 0.58 -19.80 13.15
CA GLU A 95 -0.82 -20.13 13.40
CA GLU A 95 -0.82 -20.15 13.40
C GLU A 95 -1.72 -18.91 13.39
N GLY A 96 -1.16 -17.74 13.11
CA GLY A 96 -1.91 -16.48 13.07
C GLY A 96 -2.09 -15.86 14.44
N HIS A 97 -2.64 -16.65 15.37
CA HIS A 97 -2.70 -16.31 16.79
C HIS A 97 -1.30 -16.24 17.38
N ASP A 98 -1.19 -15.57 18.52
CA ASP A 98 0.11 -15.32 19.12
C ASP A 98 0.61 -16.40 20.07
N ASN A 99 0.01 -17.58 20.01
CA ASN A 99 0.47 -18.67 20.87
C ASN A 99 1.84 -19.22 20.51
N ILE A 100 2.18 -19.20 19.23
CA ILE A 100 3.47 -19.70 18.76
C ILE A 100 4.20 -18.61 17.97
N VAL A 101 5.39 -18.28 18.44
CA VAL A 101 6.25 -17.34 17.75
C VAL A 101 7.40 -18.12 17.12
N ASN A 102 7.55 -17.99 15.81
CA ASN A 102 8.55 -18.71 15.06
C ASN A 102 9.89 -17.98 15.14
N GLN A 103 10.80 -18.52 15.94
CA GLN A 103 12.11 -17.88 16.13
C GLN A 103 12.84 -17.68 14.80
N ASP A 104 12.66 -18.59 13.84
CA ASP A 104 13.31 -18.39 12.55
C ASP A 104 12.86 -17.09 11.89
N GLY A 105 11.58 -16.79 11.99
CA GLY A 105 11.06 -15.55 11.45
C GLY A 105 11.58 -14.32 12.18
N ILE A 106 11.63 -14.40 13.51
CA ILE A 106 12.22 -13.33 14.30
C ILE A 106 13.66 -13.08 13.84
N ASP A 107 14.42 -14.15 13.74
CA ASP A 107 15.83 -14.09 13.34
C ASP A 107 16.00 -13.47 11.95
N TYR A 108 15.13 -13.86 11.03
CA TYR A 108 15.21 -13.36 9.65
C TYR A 108 15.05 -11.84 9.62
N TYR A 109 13.96 -11.35 10.22
CA TYR A 109 13.75 -9.90 10.18
C TYR A 109 14.77 -9.14 11.00
N ASN A 110 15.24 -9.71 12.12
CA ASN A 110 16.36 -9.08 12.80
C ASN A 110 17.61 -9.00 11.92
N ASN A 111 17.90 -10.09 11.22
CA ASN A 111 19.04 -10.09 10.32
C ASN A 111 18.95 -9.01 9.25
N LEU A 112 17.77 -8.87 8.65
CA LEU A 112 17.57 -7.84 7.65
C LEU A 112 17.70 -6.44 8.25
N ILE A 113 17.04 -6.21 9.39
CA ILE A 113 17.12 -4.91 10.05
C ILE A 113 18.56 -4.54 10.41
N ASN A 114 19.28 -5.50 10.96
CA ASN A 114 20.64 -5.24 11.39
C ASN A 114 21.57 -5.01 10.20
N GLU A 115 21.35 -5.73 9.11
CA GLU A 115 22.10 -5.53 7.87
C GLU A 115 21.86 -4.13 7.30
N LEU A 116 20.60 -3.70 7.30
CA LEU A 116 20.25 -2.37 6.83
C LEU A 116 20.98 -1.30 7.67
N LEU A 117 20.84 -1.41 8.98
CA LEU A 117 21.44 -0.40 9.85
C LEU A 117 22.95 -0.35 9.75
N ALA A 118 23.58 -1.51 9.60
CA ALA A 118 25.04 -1.61 9.44
C ALA A 118 25.50 -0.92 8.17
N ASN A 119 24.59 -0.75 7.21
CA ASN A 119 24.87 -0.14 5.92
C ASN A 119 24.25 1.26 5.80
N GLY A 120 23.81 1.82 6.92
CA GLY A 120 23.30 3.18 6.98
C GLY A 120 21.94 3.41 6.35
N ILE A 121 21.13 2.36 6.28
CA ILE A 121 19.79 2.41 5.68
C ILE A 121 18.76 2.21 6.78
N GLU A 122 17.79 3.10 6.85
CA GLU A 122 16.73 3.03 7.86
C GLU A 122 15.60 2.07 7.43
N PRO A 123 15.20 1.14 8.32
CA PRO A 123 14.06 0.28 7.99
C PRO A 123 12.72 0.99 8.21
N MET A 124 11.80 0.77 7.28
CA MET A 124 10.42 1.21 7.41
C MET A 124 9.59 -0.04 7.21
N VAL A 125 8.81 -0.42 8.22
CA VAL A 125 8.15 -1.72 8.20
C VAL A 125 6.65 -1.64 8.05
N THR A 126 6.15 -2.29 7.01
CA THR A 126 4.72 -2.51 6.85
C THR A 126 4.35 -3.81 7.55
N MET A 127 3.44 -3.72 8.52
CA MET A 127 3.01 -4.92 9.25
C MET A 127 2.20 -5.88 8.39
N TYR A 128 1.28 -5.32 7.61
CA TYR A 128 0.37 -6.13 6.82
C TYR A 128 0.34 -5.66 5.38
N HIS A 129 0.92 -6.47 4.50
CA HIS A 129 0.88 -6.22 3.04
C HIS A 129 0.32 -7.45 2.34
N TRP A 130 -0.86 -7.87 2.81
CA TRP A 130 -1.84 -8.70 2.08
C TRP A 130 -1.75 -10.20 2.32
N ASP A 131 -0.77 -10.62 3.11
CA ASP A 131 -0.46 -12.04 3.32
C ASP A 131 -1.00 -12.57 4.65
N LEU A 132 -2.32 -12.56 4.77
CA LEU A 132 -3.00 -13.03 5.98
C LEU A 132 -2.75 -14.53 6.18
N PRO A 133 -2.45 -14.95 7.42
CA PRO A 133 -2.36 -16.40 7.68
C PRO A 133 -3.67 -17.09 7.32
N GLN A 134 -3.56 -18.25 6.67
CA GLN A 134 -4.75 -18.99 6.30
C GLN A 134 -5.63 -19.36 7.51
N ALA A 135 -5.02 -19.62 8.65
CA ALA A 135 -5.79 -19.98 9.83
C ALA A 135 -6.77 -18.85 10.23
N LEU A 136 -6.41 -17.60 9.94
CA LEU A 136 -7.27 -16.47 10.25
C LEU A 136 -8.30 -16.25 9.14
N GLN A 137 -7.93 -16.48 7.88
CA GLN A 137 -8.91 -16.47 6.81
C GLN A 137 -9.99 -17.52 7.05
N ASP A 138 -9.63 -18.64 7.67
CA ASP A 138 -10.61 -19.69 7.91
C ASP A 138 -11.70 -19.30 8.89
N LEU A 139 -11.47 -18.25 9.69
CA LEU A 139 -12.50 -17.66 10.53
C LEU A 139 -13.38 -16.66 9.79
N GLY A 140 -13.06 -16.42 8.52
CA GLY A 140 -13.70 -15.41 7.69
C GLY A 140 -12.74 -14.33 7.23
N GLY A 141 -11.57 -14.22 7.85
CA GLY A 141 -10.65 -13.17 7.47
C GLY A 141 -11.16 -11.79 7.83
N TRP A 142 -10.78 -10.79 7.03
CA TRP A 142 -11.02 -9.41 7.39
C TRP A 142 -12.49 -9.02 7.69
N PRO A 143 -13.50 -9.62 7.04
CA PRO A 143 -14.87 -9.30 7.44
C PRO A 143 -15.22 -9.65 8.89
N ASN A 144 -14.42 -10.51 9.53
CA ASN A 144 -14.68 -10.91 10.90
C ASN A 144 -13.89 -10.02 11.85
N LEU A 145 -14.62 -9.21 12.63
CA LEU A 145 -14.01 -8.21 13.51
C LEU A 145 -13.07 -8.80 14.55
N VAL A 146 -13.15 -10.10 14.83
CA VAL A 146 -12.20 -10.70 15.77
C VAL A 146 -10.75 -10.48 15.32
N LEU A 147 -10.54 -10.28 14.02
CA LEU A 147 -9.18 -10.03 13.53
C LEU A 147 -8.57 -8.75 14.06
N ALA A 148 -9.35 -7.79 14.54
CA ALA A 148 -8.73 -6.58 15.07
C ALA A 148 -7.86 -6.88 16.30
N LYS A 149 -8.38 -7.70 17.23
CA LYS A 149 -7.56 -8.09 18.37
C LYS A 149 -6.38 -8.95 17.93
N TYR A 150 -6.60 -9.85 16.96
CA TYR A 150 -5.48 -10.67 16.50
C TYR A 150 -4.36 -9.79 15.90
N SER A 151 -4.77 -8.73 15.21
CA SER A 151 -3.83 -7.78 14.63
C SER A 151 -3.06 -7.03 15.70
N GLU A 152 -3.73 -6.60 16.77
CA GLU A 152 -3.06 -6.01 17.91
C GLU A 152 -1.99 -6.94 18.45
N ASN A 153 -2.34 -8.23 18.61
CA ASN A 153 -1.40 -9.16 19.20
C ASN A 153 -0.19 -9.39 18.30
N TYR A 154 -0.42 -9.44 17.00
CA TYR A 154 0.67 -9.53 16.01
C TYR A 154 1.57 -8.31 16.11
N ALA A 155 0.99 -7.12 16.14
CA ALA A 155 1.76 -5.89 16.27
C ALA A 155 2.59 -5.88 17.54
N ARG A 156 2.05 -6.39 18.66
CA ARG A 156 2.82 -6.41 19.88
C ARG A 156 4.11 -7.21 19.73
N VAL A 157 4.00 -8.36 19.07
CA VAL A 157 5.18 -9.17 18.79
C VAL A 157 6.18 -8.38 17.96
N LEU A 158 5.70 -7.65 16.96
CA LEU A 158 6.60 -6.86 16.13
C LEU A 158 7.27 -5.72 16.91
N PHE A 159 6.50 -4.97 17.69
CA PHE A 159 7.07 -3.88 18.45
C PHE A 159 8.08 -4.41 19.47
N LYS A 160 7.75 -5.48 20.17
CA LYS A 160 8.62 -6.05 21.19
C LYS A 160 9.97 -6.51 20.61
N ASN A 161 9.90 -7.18 19.47
CA ASN A 161 11.11 -7.76 18.88
C ASN A 161 11.94 -6.79 18.05
N PHE A 162 11.29 -5.83 17.40
CA PHE A 162 11.99 -5.05 16.39
C PHE A 162 11.99 -3.54 16.67
N GLY A 163 11.14 -3.09 17.59
CA GLY A 163 10.91 -1.66 17.76
C GLY A 163 12.04 -0.89 18.40
N ASP A 164 13.01 -1.60 18.98
CA ASP A 164 14.21 -0.93 19.45
C ASP A 164 15.06 -0.37 18.30
N ARG A 165 14.87 -0.91 17.09
CA ARG A 165 15.63 -0.53 15.91
C ARG A 165 14.76 0.00 14.76
N VAL A 166 13.47 -0.26 14.80
CA VAL A 166 12.56 0.25 13.78
C VAL A 166 11.76 1.41 14.35
N LYS A 167 11.82 2.56 13.67
CA LYS A 167 11.17 3.79 14.12
C LYS A 167 10.11 4.32 13.13
N LEU A 168 9.89 3.58 12.05
CA LEU A 168 8.86 3.93 11.06
C LEU A 168 8.05 2.67 10.79
N TRP A 169 6.76 2.76 11.11
CA TRP A 169 5.84 1.64 10.96
C TRP A 169 4.65 2.06 10.13
N LEU A 170 4.14 1.11 9.33
CA LEU A 170 2.87 1.24 8.65
C LEU A 170 2.04 0.04 9.10
N THR A 171 0.85 0.27 9.62
CA THR A 171 0.02 -0.85 10.05
C THR A 171 -0.38 -1.71 8.84
N PHE A 172 -0.99 -1.05 7.86
CA PHE A 172 -1.56 -1.70 6.70
C PHE A 172 -1.10 -1.05 5.41
N ASN A 173 -1.01 -1.87 4.38
CA ASN A 173 -0.84 -1.39 3.01
C ASN A 173 -2.10 -1.59 2.19
N GLU A 174 -2.60 -0.50 1.63
CA GLU A 174 -3.69 -0.52 0.67
C GLU A 174 -4.89 -1.39 1.07
N PRO A 175 -5.52 -1.09 2.21
CA PRO A 175 -6.79 -1.78 2.48
C PRO A 175 -7.84 -1.54 1.41
N LEU A 176 -7.81 -0.40 0.72
CA LEU A 176 -8.72 -0.21 -0.39
C LEU A 176 -8.57 -1.30 -1.45
N THR A 177 -7.33 -1.74 -1.67
CA THR A 177 -7.08 -2.85 -2.57
C THR A 177 -7.43 -4.20 -1.95
N PHE A 178 -6.88 -4.51 -0.78
CA PHE A 178 -7.08 -5.85 -0.27
C PHE A 178 -8.50 -6.14 0.21
N MET A 179 -9.28 -5.10 0.52
CA MET A 179 -10.70 -5.33 0.80
C MET A 179 -11.38 -5.95 -0.44
N ASP A 180 -10.87 -5.66 -1.64
CA ASP A 180 -11.43 -6.17 -2.86
C ASP A 180 -11.23 -7.68 -3.02
N GLY A 181 -10.39 -8.28 -2.19
CA GLY A 181 -10.32 -9.74 -2.11
C GLY A 181 -11.60 -10.37 -1.61
N TYR A 182 -12.52 -9.55 -1.08
CA TYR A 182 -13.83 -9.97 -0.62
C TYR A 182 -14.91 -9.49 -1.57
N ALA A 183 -14.53 -9.08 -2.78
CA ALA A 183 -15.49 -8.57 -3.76
C ALA A 183 -15.35 -9.23 -5.13
N SER A 184 -14.74 -10.40 -5.21
CA SER A 184 -14.61 -11.13 -6.47
C SER A 184 -14.24 -12.59 -6.22
N GLU A 185 -14.86 -13.53 -6.92
CA GLU A 185 -14.49 -14.95 -6.77
C GLU A 185 -13.17 -15.30 -7.44
N ILE A 186 -12.67 -14.45 -8.35
CA ILE A 186 -11.46 -14.78 -9.10
C ILE A 186 -10.33 -13.78 -8.91
N GLY A 187 -10.47 -12.89 -7.94
CA GLY A 187 -9.53 -11.80 -7.78
C GLY A 187 -8.52 -12.01 -6.67
N MET A 188 -8.07 -10.89 -6.11
CA MET A 188 -7.12 -10.84 -5.01
CA MET A 188 -7.04 -11.03 -5.12
C MET A 188 -7.50 -11.84 -3.92
N ALA A 189 -6.51 -12.45 -3.27
CA ALA A 189 -6.78 -13.36 -2.17
C ALA A 189 -7.58 -12.63 -1.09
N PRO A 190 -8.57 -13.30 -0.46
CA PRO A 190 -8.90 -14.72 -0.59
C PRO A 190 -9.93 -15.06 -1.67
N SER A 191 -10.20 -14.15 -2.59
CA SER A 191 -11.00 -14.45 -3.79
C SER A 191 -12.42 -14.87 -3.39
N ILE A 192 -13.05 -14.03 -2.57
CA ILE A 192 -14.41 -14.25 -2.12
CA ILE A 192 -14.39 -14.23 -2.05
C ILE A 192 -15.33 -13.22 -2.72
N ASN A 193 -16.47 -13.70 -3.21
CA ASN A 193 -17.41 -12.88 -3.95
C ASN A 193 -18.52 -12.30 -3.07
N THR A 194 -18.19 -11.30 -2.25
CA THR A 194 -19.18 -10.58 -1.43
C THR A 194 -19.10 -9.06 -1.67
N PRO A 195 -19.15 -8.65 -2.96
CA PRO A 195 -19.05 -7.20 -3.24
C PRO A 195 -20.17 -6.41 -2.55
N GLY A 196 -19.81 -5.21 -2.11
CA GLY A 196 -20.76 -4.32 -1.49
C GLY A 196 -21.19 -4.70 -0.10
N ILE A 197 -20.64 -5.79 0.45
CA ILE A 197 -21.04 -6.32 1.75
C ILE A 197 -19.79 -6.74 2.53
N GLY A 198 -19.07 -7.75 2.04
CA GLY A 198 -17.91 -8.23 2.73
C GLY A 198 -16.69 -7.33 2.64
N ASP A 199 -16.55 -6.63 1.51
CA ASP A 199 -15.48 -5.66 1.42
C ASP A 199 -15.65 -4.54 2.43
N TYR A 200 -16.87 -4.03 2.59
CA TYR A 200 -17.10 -3.03 3.64
C TYR A 200 -16.81 -3.58 5.03
N LEU A 201 -17.21 -4.82 5.33
CA LEU A 201 -16.87 -5.39 6.62
C LEU A 201 -15.38 -5.50 6.80
N ALA A 202 -14.65 -5.89 5.75
CA ALA A 202 -13.20 -5.93 5.82
C ALA A 202 -12.60 -4.58 6.16
N ALA A 203 -13.07 -3.54 5.49
CA ALA A 203 -12.58 -2.17 5.77
C ALA A 203 -12.80 -1.82 7.23
N HIS A 204 -13.98 -2.16 7.75
CA HIS A 204 -14.34 -1.82 9.13
C HIS A 204 -13.36 -2.47 10.10
N THR A 205 -13.10 -3.76 9.91
CA THR A 205 -12.15 -4.47 10.76
C THR A 205 -10.76 -3.87 10.67
N VAL A 206 -10.32 -3.56 9.45
CA VAL A 206 -9.01 -2.96 9.27
C VAL A 206 -8.86 -1.65 10.03
N ILE A 207 -9.87 -0.80 9.94
CA ILE A 207 -9.83 0.49 10.65
C ILE A 207 -9.72 0.23 12.16
N HIS A 208 -10.56 -0.65 12.69
CA HIS A 208 -10.47 -1.01 14.10
C HIS A 208 -9.10 -1.56 14.46
N ALA A 209 -8.54 -2.42 13.62
CA ALA A 209 -7.25 -3.03 13.86
C ALA A 209 -6.15 -1.97 13.89
N HIS A 210 -6.15 -1.09 12.89
CA HIS A 210 -5.21 0.00 12.83
C HIS A 210 -5.24 0.80 14.14
N ALA A 211 -6.44 1.17 14.59
CA ALA A 211 -6.58 1.97 15.80
C ALA A 211 -6.06 1.22 17.02
N ARG A 212 -6.35 -0.06 17.13
CA ARG A 212 -5.82 -0.84 18.24
CA ARG A 212 -5.82 -0.84 18.25
C ARG A 212 -4.29 -0.85 18.22
N ILE A 213 -3.70 -0.99 17.05
CA ILE A 213 -2.25 -1.04 16.95
C ILE A 213 -1.63 0.30 17.36
N TYR A 214 -2.24 1.39 16.91
CA TYR A 214 -1.73 2.72 17.27
C TYR A 214 -1.80 2.92 18.80
N HIS A 215 -2.96 2.64 19.39
CA HIS A 215 -3.11 2.76 20.83
C HIS A 215 -2.12 1.86 21.58
N LEU A 216 -1.91 0.64 21.07
CA LEU A 216 -0.93 -0.25 21.66
C LEU A 216 0.45 0.38 21.69
N TYR A 217 0.84 0.98 20.57
CA TYR A 217 2.14 1.65 20.51
C TYR A 217 2.20 2.75 21.57
N ASP A 218 1.17 3.59 21.62
CA ASP A 218 1.13 4.61 22.68
C ASP A 218 1.28 4.04 24.09
N GLN A 219 0.59 2.94 24.37
CA GLN A 219 0.48 2.42 25.74
CA GLN A 219 0.50 2.45 25.75
C GLN A 219 1.70 1.62 26.16
N GLU A 220 2.24 0.83 25.24
CA GLU A 220 3.22 -0.17 25.59
C GLU A 220 4.64 0.11 25.06
N PHE A 221 4.81 1.02 24.08
CA PHE A 221 6.10 1.13 23.37
C PHE A 221 6.66 2.51 23.07
N ARG A 222 5.80 3.50 22.86
CA ARG A 222 6.27 4.78 22.34
C ARG A 222 7.29 5.48 23.25
N ALA A 223 7.02 5.51 24.53
CA ALA A 223 7.90 6.21 25.46
C ALA A 223 9.34 5.69 25.34
N GLU A 224 9.47 4.37 25.22
CA GLU A 224 10.79 3.74 25.11
CA GLU A 224 10.78 3.72 25.11
C GLU A 224 11.38 3.81 23.70
N GLN A 225 10.55 3.61 22.68
CA GLN A 225 11.04 3.43 21.32
C GLN A 225 11.09 4.68 20.46
N GLY A 226 10.17 5.62 20.69
CA GLY A 226 10.24 6.94 20.06
C GLY A 226 10.04 6.97 18.56
N GLY A 227 9.29 6.01 18.02
CA GLY A 227 9.03 5.94 16.59
C GLY A 227 7.71 6.54 16.19
N LYS A 228 7.32 6.30 14.94
CA LYS A 228 6.11 6.84 14.36
C LYS A 228 5.34 5.71 13.69
N VAL A 229 4.03 5.76 13.84
CA VAL A 229 3.11 4.79 13.25
C VAL A 229 2.15 5.49 12.31
N GLY A 230 2.12 5.00 11.07
CA GLY A 230 1.17 5.48 10.07
C GLY A 230 0.48 4.30 9.40
N ILE A 231 -0.07 4.57 8.21
CA ILE A 231 -0.81 3.59 7.42
C ILE A 231 -0.62 4.01 5.96
N SER A 232 -0.54 3.05 5.05
CA SER A 232 -0.35 3.36 3.62
C SER A 232 -1.64 3.18 2.86
N LEU A 233 -2.16 4.31 2.37
CA LEU A 233 -3.42 4.36 1.64
C LEU A 233 -3.13 4.70 0.20
N ASN A 234 -3.69 3.90 -0.72
CA ASN A 234 -3.64 4.21 -2.14
C ASN A 234 -4.79 5.09 -2.57
N ILE A 235 -4.52 5.94 -3.55
CA ILE A 235 -5.55 6.77 -4.13
C ILE A 235 -5.09 7.20 -5.52
N ASN A 236 -6.02 7.08 -6.47
CA ASN A 236 -5.87 7.67 -7.79
C ASN A 236 -6.41 9.10 -7.80
N TRP A 237 -5.76 9.99 -8.55
CA TRP A 237 -6.42 11.25 -8.84
C TRP A 237 -7.65 10.99 -9.71
N CYS A 238 -8.71 11.76 -9.52
CA CYS A 238 -9.91 11.63 -10.34
C CYS A 238 -10.21 13.01 -10.92
N GLU A 239 -9.95 13.16 -12.20
CA GLU A 239 -10.07 14.44 -12.88
C GLU A 239 -11.47 14.57 -13.49
N PRO A 240 -12.15 15.71 -13.29
CA PRO A 240 -13.47 15.84 -13.88
C PRO A 240 -13.42 15.73 -15.40
N ALA A 241 -14.29 14.89 -15.96
CA ALA A 241 -14.29 14.67 -17.41
C ALA A 241 -14.57 15.97 -18.17
N THR A 242 -15.45 16.78 -17.61
CA THR A 242 -15.70 18.14 -18.06
C THR A 242 -15.61 19.07 -16.85
N ASN A 243 -15.56 20.38 -17.08
CA ASN A 243 -15.49 21.35 -15.98
C ASN A 243 -16.78 21.59 -15.19
N SER A 244 -17.79 20.76 -15.39
CA SER A 244 -19.07 21.02 -14.76
C SER A 244 -19.04 20.75 -13.25
N ALA A 245 -19.92 21.46 -12.55
CA ALA A 245 -20.13 21.18 -11.13
C ALA A 245 -20.53 19.71 -10.89
N GLU A 246 -21.32 19.15 -11.79
CA GLU A 246 -21.77 17.77 -11.67
C GLU A 246 -20.60 16.79 -11.78
N ASP A 247 -19.68 17.04 -12.71
CA ASP A 247 -18.54 16.14 -12.80
C ASP A 247 -17.59 16.35 -11.62
N ARG A 248 -17.45 17.59 -11.15
CA ARG A 248 -16.66 17.82 -9.95
C ARG A 248 -17.24 17.05 -8.75
N ALA A 249 -18.56 17.06 -8.61
CA ALA A 249 -19.20 16.32 -7.51
C ALA A 249 -18.82 14.83 -7.56
N SER A 250 -18.79 14.27 -8.77
CA SER A 250 -18.48 12.85 -8.94
C SER A 250 -17.05 12.53 -8.54
N CYS A 251 -16.15 13.48 -8.80
CA CYS A 251 -14.76 13.29 -8.42
C CYS A 251 -14.54 13.39 -6.92
N GLU A 252 -15.30 14.28 -6.27
CA GLU A 252 -15.29 14.33 -4.81
C GLU A 252 -15.83 13.02 -4.23
N ASN A 253 -16.90 12.49 -4.82
CA ASN A 253 -17.39 11.18 -4.42
C ASN A 253 -16.27 10.15 -4.52
N TYR A 254 -15.52 10.16 -5.62
CA TYR A 254 -14.43 9.22 -5.78
C TYR A 254 -13.42 9.35 -4.66
N GLN A 255 -12.96 10.57 -4.38
CA GLN A 255 -11.98 10.73 -3.33
C GLN A 255 -12.51 10.16 -2.01
N GLN A 256 -13.76 10.47 -1.68
CA GLN A 256 -14.30 10.02 -0.39
C GLN A 256 -14.51 8.51 -0.33
N PHE A 257 -14.89 7.88 -1.45
CA PHE A 257 -15.15 6.45 -1.49
C PHE A 257 -13.89 5.60 -1.61
N ASN A 258 -12.74 6.23 -1.84
CA ASN A 258 -11.49 5.51 -2.08
C ASN A 258 -10.49 5.85 -0.98
N LEU A 259 -10.14 7.13 -0.87
CA LEU A 259 -9.25 7.58 0.19
C LEU A 259 -10.02 7.85 1.50
N GLY A 260 -11.13 8.58 1.40
CA GLY A 260 -11.88 8.98 2.60
C GLY A 260 -12.42 7.83 3.42
N LEU A 261 -12.73 6.71 2.76
CA LEU A 261 -13.20 5.52 3.45
CA LEU A 261 -13.17 5.47 3.41
C LEU A 261 -12.30 5.17 4.63
N TYR A 262 -10.99 5.29 4.44
CA TYR A 262 -10.00 5.01 5.48
C TYR A 262 -9.50 6.28 6.16
N ALA A 263 -9.29 7.36 5.40
CA ALA A 263 -8.66 8.53 5.96
C ALA A 263 -9.63 9.39 6.77
N HIS A 264 -10.91 9.44 6.43
CA HIS A 264 -11.81 10.26 7.23
C HIS A 264 -11.90 9.74 8.69
N PRO A 265 -12.00 8.41 8.89
CA PRO A 265 -12.08 7.95 10.29
C PRO A 265 -10.82 8.29 11.09
N ILE A 266 -9.66 8.28 10.44
CA ILE A 266 -8.39 8.38 11.14
C ILE A 266 -7.83 9.80 11.19
N PHE A 267 -7.85 10.50 10.06
CA PHE A 267 -7.08 11.73 9.88
C PHE A 267 -7.85 13.02 10.03
N THR A 268 -9.14 12.96 10.26
CA THR A 268 -9.93 14.18 10.49
C THR A 268 -10.20 14.38 11.97
N GLU A 269 -10.55 15.61 12.34
CA GLU A 269 -10.95 15.90 13.71
C GLU A 269 -12.29 15.24 14.05
N GLU A 270 -13.16 15.14 13.06
CA GLU A 270 -14.49 14.58 13.26
C GLU A 270 -14.48 13.06 13.37
N GLY A 271 -13.62 12.42 12.60
CA GLY A 271 -13.66 10.97 12.51
C GLY A 271 -14.89 10.46 11.79
N ASP A 272 -15.12 9.16 11.95
CA ASP A 272 -16.20 8.44 11.26
C ASP A 272 -15.92 8.36 9.75
N TYR A 273 -16.72 7.55 9.09
CA TYR A 273 -16.72 7.54 7.63
C TYR A 273 -17.18 8.89 7.07
N PRO A 274 -16.79 9.22 5.83
CA PRO A 274 -17.34 10.41 5.18
C PRO A 274 -18.86 10.34 5.13
N ALA A 275 -19.50 11.48 5.29
CA ALA A 275 -20.96 11.53 5.22
C ALA A 275 -21.48 10.98 3.90
N VAL A 276 -20.82 11.30 2.78
CA VAL A 276 -21.34 10.84 1.50
C VAL A 276 -21.31 9.31 1.39
N LEU A 277 -20.33 8.68 2.02
CA LEU A 277 -20.23 7.23 2.02
CA LEU A 277 -20.24 7.22 2.03
C LEU A 277 -21.41 6.66 2.82
N LYS A 278 -21.59 7.15 4.04
CA LYS A 278 -22.70 6.68 4.88
C LYS A 278 -24.04 6.89 4.17
N ASP A 279 -24.24 8.09 3.63
CA ASP A 279 -25.55 8.44 3.07
C ASP A 279 -25.84 7.66 1.78
N ARG A 280 -24.88 7.56 0.87
CA ARG A 280 -25.17 6.88 -0.38
C ARG A 280 -25.42 5.38 -0.13
N VAL A 281 -24.64 4.76 0.74
CA VAL A 281 -24.84 3.33 0.97
C VAL A 281 -26.15 3.11 1.71
N SER A 282 -26.52 3.99 2.65
CA SER A 282 -27.77 3.86 3.38
CA SER A 282 -27.77 3.76 3.35
C SER A 282 -28.94 3.91 2.40
N ARG A 283 -28.92 4.91 1.52
CA ARG A 283 -29.99 5.09 0.56
C ARG A 283 -30.09 3.89 -0.38
N ASN A 284 -28.96 3.47 -0.93
CA ASN A 284 -28.97 2.35 -1.85
C ASN A 284 -29.45 1.07 -1.18
N SER A 285 -29.02 0.85 0.05
CA SER A 285 -29.43 -0.34 0.79
C SER A 285 -30.94 -0.34 1.01
N ALA A 286 -31.48 0.80 1.43
CA ALA A 286 -32.91 0.91 1.64
C ALA A 286 -33.68 0.66 0.34
N ASP A 287 -33.21 1.25 -0.76
CA ASP A 287 -33.90 1.12 -2.03
C ASP A 287 -33.92 -0.32 -2.53
N GLU A 288 -32.92 -1.10 -2.16
CA GLU A 288 -32.86 -2.49 -2.54
C GLU A 288 -33.52 -3.44 -1.57
N GLY A 289 -34.09 -2.91 -0.49
CA GLY A 289 -34.91 -3.71 0.40
C GLY A 289 -34.21 -4.26 1.61
N TYR A 290 -32.93 -3.95 1.84
CA TYR A 290 -32.28 -4.39 3.05
C TYR A 290 -32.89 -3.69 4.26
N THR A 291 -33.11 -4.42 5.35
CA THR A 291 -33.46 -3.80 6.61
C THR A 291 -32.34 -2.90 7.13
N ASP A 292 -31.10 -3.36 6.98
CA ASP A 292 -29.92 -2.67 7.50
C ASP A 292 -29.03 -2.18 6.38
N SER A 293 -28.43 -1.00 6.56
CA SER A 293 -27.43 -0.55 5.62
C SER A 293 -26.32 -1.58 5.47
N ARG A 294 -25.84 -1.74 4.24
CA ARG A 294 -24.66 -2.55 3.99
C ARG A 294 -23.38 -1.96 4.56
N LEU A 295 -23.37 -0.67 4.94
CA LEU A 295 -22.16 -0.08 5.52
C LEU A 295 -22.21 -0.27 7.03
N PRO A 296 -21.20 -0.92 7.61
CA PRO A 296 -21.15 -1.04 9.07
C PRO A 296 -21.00 0.32 9.73
N GLN A 297 -21.37 0.36 11.01
CA GLN A 297 -21.41 1.62 11.77
C GLN A 297 -20.38 1.61 12.89
N PHE A 298 -19.82 2.79 13.15
CA PHE A 298 -19.03 3.02 14.35
C PHE A 298 -19.92 3.68 15.40
N THR A 299 -19.80 3.24 16.65
CA THR A 299 -20.42 3.99 17.75
C THR A 299 -19.64 5.28 18.00
N ALA A 300 -20.22 6.21 18.75
CA ALA A 300 -19.52 7.45 19.09
C ALA A 300 -18.20 7.17 19.80
N GLU A 301 -18.21 6.19 20.71
CA GLU A 301 -17.00 5.85 21.43
C GLU A 301 -15.93 5.33 20.45
N GLU A 302 -16.34 4.50 19.50
CA GLU A 302 -15.39 4.01 18.49
C GLU A 302 -14.85 5.14 17.62
N VAL A 303 -15.73 6.05 17.20
CA VAL A 303 -15.28 7.20 16.42
C VAL A 303 -14.16 7.95 17.14
N GLU A 304 -14.36 8.20 18.44
CA GLU A 304 -13.35 8.90 19.23
C GLU A 304 -12.06 8.10 19.39
N TYR A 305 -12.19 6.79 19.55
CA TYR A 305 -11.02 5.92 19.69
C TYR A 305 -10.17 5.90 18.41
N ILE A 306 -10.84 5.90 17.26
CA ILE A 306 -10.16 5.74 15.97
C ILE A 306 -9.55 7.05 15.49
N ARG A 307 -10.26 8.17 15.67
CA ARG A 307 -9.73 9.42 15.13
C ARG A 307 -8.46 9.81 15.87
N GLY A 308 -7.49 10.30 15.11
CA GLY A 308 -6.23 10.76 15.68
C GLY A 308 -5.16 9.69 15.79
N THR A 309 -5.43 8.47 15.30
CA THR A 309 -4.49 7.37 15.42
C THR A 309 -3.44 7.40 14.29
N HIS A 310 -2.62 8.44 14.31
CA HIS A 310 -1.62 8.58 13.24
C HIS A 310 -0.51 9.52 13.64
N ASP A 311 0.70 9.18 13.19
CA ASP A 311 1.85 10.07 13.25
C ASP A 311 2.25 10.63 11.88
N PHE A 312 1.72 10.02 10.82
CA PHE A 312 1.92 10.49 9.45
C PHE A 312 0.94 9.69 8.59
N LEU A 313 0.79 10.16 7.35
CA LEU A 313 -0.06 9.52 6.36
C LEU A 313 0.86 8.94 5.28
N GLY A 314 0.78 7.63 5.05
CA GLY A 314 1.46 7.02 3.92
C GLY A 314 0.56 7.03 2.71
N ILE A 315 1.10 7.44 1.55
CA ILE A 315 0.34 7.46 0.32
C ILE A 315 1.03 6.63 -0.75
N ASN A 316 0.24 5.78 -1.40
CA ASN A 316 0.67 5.09 -2.61
C ASN A 316 -0.03 5.77 -3.77
N PHE A 317 0.76 6.31 -4.70
CA PHE A 317 0.21 7.03 -5.84
C PHE A 317 0.79 6.45 -7.13
N TYR A 318 -0.08 6.16 -8.08
CA TYR A 318 0.35 5.63 -9.37
C TYR A 318 -0.26 6.32 -10.59
N THR A 319 -1.51 6.74 -10.52
CA THR A 319 -2.23 7.08 -11.75
C THR A 319 -3.45 7.95 -11.48
N ALA A 320 -4.16 8.25 -12.55
CA ALA A 320 -5.37 9.03 -12.52
C ALA A 320 -6.46 8.36 -13.36
N LEU A 321 -7.69 8.78 -13.07
CA LEU A 321 -8.87 8.45 -13.85
C LEU A 321 -9.61 9.73 -14.18
N LEU A 322 -10.50 9.66 -15.17
CA LEU A 322 -11.50 10.69 -15.41
C LEU A 322 -12.79 10.27 -14.73
N GLY A 323 -13.47 11.23 -14.11
CA GLY A 323 -14.75 10.97 -13.46
C GLY A 323 -15.83 11.86 -14.03
N LYS A 324 -16.99 11.26 -14.27
CA LYS A 324 -18.16 12.04 -14.65
C LYS A 324 -19.37 11.63 -13.83
N SER A 325 -20.34 12.53 -13.79
CA SER A 325 -21.55 12.31 -13.04
C SER A 325 -22.29 11.09 -13.56
N GLY A 326 -22.78 10.28 -12.62
CA GLY A 326 -23.56 9.11 -12.97
C GLY A 326 -23.23 7.97 -12.03
N VAL A 327 -23.86 6.83 -12.31
CA VAL A 327 -23.72 5.62 -11.50
C VAL A 327 -23.52 4.46 -12.44
N GLU A 328 -22.53 3.62 -12.18
CA GLU A 328 -22.48 2.35 -12.91
C GLU A 328 -21.82 1.30 -12.03
N GLY A 329 -21.81 0.07 -12.51
CA GLY A 329 -21.33 -1.05 -11.75
C GLY A 329 -22.47 -1.93 -11.28
N TYR A 330 -22.11 -3.07 -10.71
CA TYR A 330 -23.11 -4.04 -10.28
C TYR A 330 -23.71 -3.67 -8.92
N GLU A 331 -24.95 -4.08 -8.72
CA GLU A 331 -25.62 -3.92 -7.44
C GLU A 331 -25.55 -5.23 -6.67
N PRO A 332 -24.97 -5.23 -5.46
CA PRO A 332 -24.31 -4.15 -4.76
C PRO A 332 -22.81 -4.13 -5.03
N SER A 333 -22.20 -2.96 -4.97
CA SER A 333 -20.74 -2.86 -5.07
C SER A 333 -20.31 -1.48 -4.60
N ARG A 334 -19.07 -1.39 -4.16
CA ARG A 334 -18.51 -0.10 -3.76
CA ARG A 334 -18.49 -0.10 -3.78
C ARG A 334 -18.47 0.86 -4.95
N TYR A 335 -18.09 0.37 -6.14
CA TYR A 335 -18.06 1.25 -7.30
C TYR A 335 -19.45 1.82 -7.60
N ARG A 336 -20.46 0.97 -7.59
CA ARG A 336 -21.81 1.48 -7.86
C ARG A 336 -22.23 2.46 -6.77
N ASP A 337 -21.94 2.14 -5.51
CA ASP A 337 -22.29 3.04 -4.42
C ASP A 337 -21.63 4.41 -4.55
N SER A 338 -20.42 4.44 -5.14
CA SER A 338 -19.62 5.66 -5.15
C SER A 338 -20.17 6.75 -6.06
N GLY A 339 -21.06 6.44 -7.02
CA GLY A 339 -21.68 7.52 -7.78
C GLY A 339 -20.72 8.32 -8.64
N VAL A 340 -19.91 7.62 -9.42
CA VAL A 340 -19.04 8.23 -10.41
C VAL A 340 -18.85 7.23 -11.54
N ILE A 341 -18.78 7.73 -12.77
CA ILE A 341 -18.45 6.91 -13.93
C ILE A 341 -17.00 7.19 -14.31
N LEU A 342 -16.17 6.15 -14.24
CA LEU A 342 -14.73 6.28 -14.37
C LEU A 342 -14.24 5.80 -15.74
N THR A 343 -13.33 6.57 -16.32
CA THR A 343 -12.70 6.20 -17.58
C THR A 343 -11.24 6.64 -17.54
N GLN A 344 -10.49 6.27 -18.58
CA GLN A 344 -9.12 6.73 -18.82
CA GLN A 344 -9.15 6.86 -18.73
C GLN A 344 -9.08 7.52 -20.12
N ASP A 345 -8.25 8.55 -20.17
CA ASP A 345 -8.05 9.31 -21.42
C ASP A 345 -7.10 8.54 -22.33
N ALA A 346 -7.52 8.32 -23.57
CA ALA A 346 -6.71 7.58 -24.54
C ALA A 346 -5.38 8.26 -24.84
N ALA A 347 -5.28 9.56 -24.58
CA ALA A 347 -4.04 10.30 -24.82
C ALA A 347 -2.93 10.06 -23.80
N TRP A 348 -3.30 9.57 -22.62
CA TRP A 348 -2.31 9.37 -21.57
C TRP A 348 -1.36 8.25 -21.96
N PRO A 349 -0.05 8.42 -21.70
CA PRO A 349 0.88 7.33 -21.97
C PRO A 349 0.54 6.07 -21.18
N ILE A 350 0.79 4.93 -21.79
CA ILE A 350 0.46 3.64 -21.22
C ILE A 350 1.63 3.01 -20.47
N SER A 351 1.33 1.91 -19.80
CA SER A 351 2.34 1.09 -19.15
C SER A 351 2.13 -0.37 -19.58
N ALA A 352 2.68 -1.31 -18.83
CA ALA A 352 2.36 -2.72 -19.02
C ALA A 352 1.19 -3.19 -18.18
N SER A 353 0.53 -2.25 -17.50
CA SER A 353 -0.59 -2.58 -16.61
C SER A 353 -1.81 -1.81 -17.08
N SER A 354 -2.92 -2.51 -17.31
CA SER A 354 -4.12 -1.91 -17.85
C SER A 354 -4.64 -0.72 -17.05
N TRP A 355 -4.44 -0.78 -15.73
CA TRP A 355 -4.97 0.22 -14.82
C TRP A 355 -4.06 1.43 -14.69
N LEU A 356 -2.82 1.36 -15.18
CA LEU A 356 -1.80 2.35 -14.88
C LEU A 356 -1.46 3.15 -16.14
N LYS A 357 -1.93 4.40 -16.14
CA LYS A 357 -1.58 5.38 -17.17
C LYS A 357 -0.72 6.47 -16.53
N VAL A 358 0.12 7.11 -17.35
CA VAL A 358 1.06 8.09 -16.84
C VAL A 358 0.43 9.49 -16.82
N VAL A 359 0.14 9.99 -15.62
CA VAL A 359 -0.56 11.26 -15.45
C VAL A 359 0.11 12.06 -14.32
N PRO A 360 1.32 12.58 -14.56
CA PRO A 360 2.12 13.04 -13.42
C PRO A 360 1.49 14.23 -12.68
N TRP A 361 0.83 15.12 -13.43
CA TRP A 361 0.15 16.25 -12.80
C TRP A 361 -0.95 15.81 -11.83
N GLY A 362 -1.48 14.60 -12.01
CA GLY A 362 -2.46 14.09 -11.07
C GLY A 362 -1.88 13.90 -9.68
N PHE A 363 -0.58 13.62 -9.60
CA PHE A 363 0.09 13.45 -8.32
C PHE A 363 0.03 14.76 -7.51
N ARG A 364 0.37 15.86 -8.18
CA ARG A 364 0.31 17.17 -7.55
C ARG A 364 -1.13 17.50 -7.12
N LYS A 365 -2.09 17.23 -8.00
CA LYS A 365 -3.48 17.48 -7.63
C LYS A 365 -3.91 16.68 -6.41
N GLU A 366 -3.51 15.40 -6.38
CA GLU A 366 -3.88 14.57 -5.24
C GLU A 366 -3.26 15.07 -3.94
N LEU A 367 -1.99 15.45 -4.00
CA LEU A 367 -1.31 15.95 -2.81
C LEU A 367 -1.98 17.21 -2.27
N ASN A 368 -2.44 18.09 -3.16
CA ASN A 368 -3.22 19.25 -2.73
C ASN A 368 -4.57 18.88 -2.14
N TRP A 369 -5.24 17.89 -2.72
CA TRP A 369 -6.53 17.44 -2.20
C TRP A 369 -6.36 16.96 -0.74
N ILE A 370 -5.33 16.15 -0.53
CA ILE A 370 -4.98 15.62 0.79
C ILE A 370 -4.65 16.74 1.77
N LYS A 371 -3.81 17.67 1.33
CA LYS A 371 -3.44 18.81 2.18
C LYS A 371 -4.70 19.53 2.68
N ASN A 372 -5.62 19.79 1.76
CA ASN A 372 -6.82 20.55 2.10
C ASN A 372 -7.80 19.76 2.96
N GLU A 373 -7.94 18.47 2.69
CA GLU A 373 -8.93 17.65 3.38
C GLU A 373 -8.49 17.31 4.80
N TYR A 374 -7.20 17.07 4.98
CA TYR A 374 -6.69 16.51 6.23
C TYR A 374 -5.78 17.49 6.98
N ASN A 375 -5.81 18.76 6.60
CA ASN A 375 -5.03 19.80 7.28
C ASN A 375 -3.54 19.54 7.24
N ASN A 376 -3.07 19.26 6.03
CA ASN A 376 -1.64 19.13 5.73
C ASN A 376 -0.88 18.20 6.67
N PRO A 377 -1.33 16.94 6.76
CA PRO A 377 -0.59 15.97 7.56
C PRO A 377 0.79 15.73 6.93
N PRO A 378 1.76 15.28 7.74
CA PRO A 378 3.00 14.79 7.13
C PRO A 378 2.67 13.59 6.26
N VAL A 379 3.11 13.63 5.00
CA VAL A 379 2.82 12.60 4.02
C VAL A 379 4.12 11.94 3.60
N PHE A 380 4.16 10.62 3.70
CA PHE A 380 5.29 9.83 3.22
C PHE A 380 4.76 9.07 2.01
N ILE A 381 5.38 9.30 0.85
CA ILE A 381 5.00 8.55 -0.35
C ILE A 381 5.61 7.16 -0.25
N THR A 382 4.78 6.18 0.11
CA THR A 382 5.29 4.85 0.34
C THR A 382 5.38 3.98 -0.92
N GLU A 383 4.72 4.39 -2.00
CA GLU A 383 4.88 3.75 -3.31
C GLU A 383 4.59 4.74 -4.41
N ASN A 384 5.35 4.60 -5.49
CA ASN A 384 5.14 5.27 -6.77
C ASN A 384 6.04 4.52 -7.76
N GLY A 385 5.51 4.16 -8.94
CA GLY A 385 6.31 3.39 -9.90
C GLY A 385 5.52 3.03 -11.13
N PHE A 386 6.17 2.24 -11.99
CA PHE A 386 5.75 2.11 -13.38
C PHE A 386 6.09 0.72 -13.87
N SER A 387 5.21 0.15 -14.69
CA SER A 387 5.45 -1.19 -15.23
C SER A 387 5.84 -1.19 -16.70
N ASP A 388 6.67 -2.15 -17.04
CA ASP A 388 6.96 -2.53 -18.42
C ASP A 388 7.04 -4.06 -18.45
N TYR A 389 7.29 -4.63 -19.62
CA TYR A 389 7.33 -6.08 -19.75
C TYR A 389 8.72 -6.65 -19.63
N GLY A 390 9.71 -5.78 -19.51
CA GLY A 390 11.11 -6.23 -19.45
C GLY A 390 12.03 -5.17 -20.02
N GLY A 391 13.32 -5.41 -19.89
CA GLY A 391 14.35 -4.52 -20.47
C GLY A 391 15.05 -3.66 -19.44
N LEU A 392 16.33 -3.40 -19.70
CA LEU A 392 17.16 -2.56 -18.85
C LEU A 392 17.17 -1.10 -19.25
N ASN A 393 16.91 -0.83 -20.52
CA ASN A 393 16.91 0.55 -20.99
C ASN A 393 15.51 1.11 -20.84
N ASP A 394 15.11 1.30 -19.59
CA ASP A 394 13.72 1.51 -19.23
C ASP A 394 13.34 3.00 -19.25
N THR A 395 13.36 3.56 -20.46
CA THR A 395 13.14 4.99 -20.62
CA THR A 395 13.10 4.97 -20.69
C THR A 395 11.77 5.42 -20.11
N GLY A 396 10.74 4.59 -20.30
CA GLY A 396 9.41 4.90 -19.77
C GLY A 396 9.43 5.06 -18.26
N ARG A 397 10.12 4.15 -17.58
CA ARG A 397 10.24 4.22 -16.13
C ARG A 397 11.05 5.44 -15.68
N VAL A 398 12.15 5.73 -16.37
CA VAL A 398 12.93 6.92 -16.06
C VAL A 398 12.06 8.17 -16.14
N HIS A 399 11.32 8.31 -17.24
CA HIS A 399 10.42 9.45 -17.44
C HIS A 399 9.34 9.49 -16.38
N TYR A 400 8.77 8.34 -16.04
CA TYR A 400 7.76 8.28 -15.01
C TYR A 400 8.31 8.85 -13.70
N TYR A 401 9.48 8.37 -13.27
CA TYR A 401 10.04 8.85 -12.02
C TYR A 401 10.40 10.32 -12.05
N THR A 402 11.08 10.76 -13.10
CA THR A 402 11.53 12.15 -13.10
C THR A 402 10.32 13.09 -13.12
N GLU A 403 9.29 12.76 -13.89
CA GLU A 403 8.10 13.60 -13.91
C GLU A 403 7.35 13.57 -12.57
N HIS A 404 7.16 12.39 -11.97
CA HIS A 404 6.45 12.35 -10.69
C HIS A 404 7.21 13.05 -9.59
N LEU A 405 8.53 12.90 -9.57
CA LEU A 405 9.32 13.59 -8.57
C LEU A 405 9.29 15.11 -8.75
N LYS A 406 9.30 15.57 -10.00
CA LYS A 406 9.14 17.00 -10.26
C LYS A 406 7.80 17.52 -9.75
N GLU A 407 6.74 16.76 -9.99
CA GLU A 407 5.41 17.18 -9.54
C GLU A 407 5.30 17.20 -8.02
N MET A 408 5.89 16.20 -7.38
CA MET A 408 5.93 16.17 -5.92
C MET A 408 6.71 17.37 -5.36
N LEU A 409 7.84 17.70 -5.98
CA LEU A 409 8.63 18.83 -5.55
C LEU A 409 7.89 20.15 -5.71
N LYS A 410 7.09 20.29 -6.77
CA LYS A 410 6.21 21.46 -6.89
C LYS A 410 5.18 21.47 -5.77
N ALA A 411 4.60 20.33 -5.45
CA ALA A 411 3.67 20.26 -4.33
C ALA A 411 4.33 20.74 -3.03
N ILE A 412 5.57 20.31 -2.80
CA ILE A 412 6.28 20.73 -1.59
C ILE A 412 6.61 22.22 -1.61
N HIS A 413 7.30 22.66 -2.66
CA HIS A 413 7.88 24.00 -2.67
C HIS A 413 6.90 25.09 -3.07
N GLU A 414 6.09 24.80 -4.07
CA GLU A 414 5.11 25.79 -4.55
C GLU A 414 3.80 25.76 -3.74
N ASP A 415 3.38 24.58 -3.32
CA ASP A 415 2.06 24.43 -2.73
C ASP A 415 2.06 24.21 -1.22
N GLY A 416 3.24 24.04 -0.62
CA GLY A 416 3.34 23.92 0.83
C GLY A 416 2.87 22.59 1.39
N VAL A 417 2.86 21.54 0.59
CA VAL A 417 2.44 20.22 1.07
C VAL A 417 3.58 19.59 1.87
N ASN A 418 3.27 19.12 3.07
CA ASN A 418 4.30 18.55 3.93
C ASN A 418 4.63 17.10 3.59
N VAL A 419 5.27 16.90 2.44
CA VAL A 419 5.76 15.59 2.06
C VAL A 419 7.11 15.37 2.71
N ILE A 420 7.28 14.25 3.41
CA ILE A 420 8.45 13.98 4.23
C ILE A 420 9.35 12.87 3.72
N GLY A 421 8.87 12.06 2.77
CA GLY A 421 9.70 10.98 2.25
C GLY A 421 9.03 10.34 1.04
N TYR A 422 9.81 9.48 0.37
CA TYR A 422 9.39 8.84 -0.86
C TYR A 422 10.19 7.55 -1.05
N THR A 423 9.47 6.43 -1.19
CA THR A 423 10.08 5.16 -1.55
C THR A 423 9.49 4.66 -2.86
N ALA A 424 10.36 4.50 -3.85
CA ALA A 424 9.98 3.97 -5.17
C ALA A 424 9.48 2.54 -5.06
N TRP A 425 8.39 2.25 -5.75
CA TRP A 425 7.93 0.87 -5.96
C TRP A 425 8.44 0.43 -7.34
N SER A 426 9.35 -0.54 -7.46
CA SER A 426 9.91 -1.35 -6.40
C SER A 426 11.43 -1.39 -6.54
N LEU A 427 12.11 -1.75 -5.46
CA LEU A 427 13.53 -2.02 -5.52
C LEU A 427 13.87 -2.98 -6.67
N MET A 428 13.09 -4.04 -6.84
CA MET A 428 13.38 -4.98 -7.90
CA MET A 428 13.39 -5.04 -7.85
C MET A 428 12.11 -5.65 -8.42
N ASP A 429 12.21 -6.17 -9.64
CA ASP A 429 11.10 -6.92 -10.22
C ASP A 429 10.73 -8.01 -9.23
N ASN A 430 9.43 -8.28 -9.11
CA ASN A 430 8.95 -9.19 -8.09
C ASN A 430 7.64 -9.85 -8.52
N PHE A 431 7.02 -10.63 -7.64
CA PHE A 431 5.76 -11.27 -7.96
C PHE A 431 4.64 -10.22 -7.89
N GLU A 432 4.10 -9.86 -9.05
CA GLU A 432 3.09 -8.82 -9.20
C GLU A 432 1.67 -9.42 -9.10
N TRP A 433 1.44 -10.10 -7.97
CA TRP A 433 0.12 -10.56 -7.60
C TRP A 433 -0.52 -11.37 -8.75
N LEU A 434 -1.73 -11.03 -9.15
CA LEU A 434 -2.41 -11.83 -10.18
C LEU A 434 -1.73 -11.74 -11.55
N ARG A 435 -0.81 -10.79 -11.71
CA ARG A 435 -0.08 -10.66 -12.97
C ARG A 435 1.19 -11.51 -12.96
N GLY A 436 1.46 -12.23 -11.88
CA GLY A 436 2.65 -13.06 -11.83
C GLY A 436 3.90 -12.24 -12.06
N TYR A 437 4.81 -12.81 -12.84
CA TYR A 437 6.08 -12.15 -13.14
C TYR A 437 6.00 -11.42 -14.49
N SER A 438 4.79 -11.26 -15.02
CA SER A 438 4.64 -10.71 -16.37
C SER A 438 4.78 -9.19 -16.44
N GLU A 439 4.48 -8.50 -15.35
CA GLU A 439 4.58 -7.05 -15.29
C GLU A 439 5.71 -6.71 -14.33
N LYS A 440 6.64 -5.89 -14.84
CA LYS A 440 7.86 -5.56 -14.13
C LYS A 440 7.75 -4.14 -13.57
N PHE A 441 7.95 -4.02 -12.26
CA PHE A 441 7.94 -2.72 -11.58
C PHE A 441 9.30 -2.34 -11.01
N GLY A 442 10.30 -3.20 -11.14
CA GLY A 442 11.57 -2.92 -10.49
C GLY A 442 12.40 -1.83 -11.12
N ILE A 443 13.25 -1.22 -10.30
CA ILE A 443 14.35 -0.43 -10.80
C ILE A 443 15.61 -1.29 -10.99
N TYR A 444 15.64 -2.46 -10.33
CA TYR A 444 16.57 -3.56 -10.62
C TYR A 444 15.78 -4.70 -11.29
N ALA A 445 16.38 -5.27 -12.33
CA ALA A 445 15.84 -6.45 -13.00
C ALA A 445 16.26 -7.70 -12.25
N VAL A 446 15.39 -8.72 -12.27
CA VAL A 446 15.69 -10.03 -11.70
C VAL A 446 15.36 -11.11 -12.72
N ASP A 447 16.30 -12.03 -12.92
CA ASP A 447 16.13 -13.15 -13.83
C ASP A 447 15.46 -14.30 -13.07
N PHE A 448 14.16 -14.47 -13.28
CA PHE A 448 13.40 -15.50 -12.55
C PHE A 448 13.62 -16.90 -13.09
N GLU A 449 14.40 -17.02 -14.17
CA GLU A 449 14.79 -18.33 -14.66
C GLU A 449 16.16 -18.75 -14.14
N ASP A 450 16.84 -17.87 -13.41
CA ASP A 450 18.16 -18.14 -12.86
C ASP A 450 17.99 -18.41 -11.37
N PRO A 451 18.32 -19.64 -10.90
CA PRO A 451 18.12 -19.96 -9.49
C PRO A 451 18.79 -18.99 -8.50
N ALA A 452 19.84 -18.31 -8.96
CA ALA A 452 20.53 -17.33 -8.11
C ALA A 452 19.83 -15.97 -8.03
N ARG A 453 18.81 -15.77 -8.87
CA ARG A 453 18.03 -14.54 -8.87
C ARG A 453 18.90 -13.27 -8.81
N PRO A 454 19.85 -13.12 -9.75
CA PRO A 454 20.68 -11.92 -9.71
C PRO A 454 19.84 -10.66 -9.91
N ARG A 455 20.18 -9.61 -9.16
CA ARG A 455 19.58 -8.27 -9.33
C ARG A 455 20.53 -7.40 -10.12
N ILE A 456 20.04 -6.80 -11.21
CA ILE A 456 20.91 -5.97 -12.05
C ILE A 456 20.25 -4.62 -12.30
N PRO A 457 21.04 -3.53 -12.25
CA PRO A 457 20.41 -2.22 -12.33
C PRO A 457 19.88 -1.90 -13.73
N LYS A 458 18.68 -1.35 -13.79
CA LYS A 458 18.15 -0.74 -14.99
C LYS A 458 18.61 0.71 -15.07
N GLU A 459 18.35 1.36 -16.20
CA GLU A 459 18.62 2.79 -16.29
C GLU A 459 17.92 3.59 -15.18
N SER A 460 16.70 3.20 -14.83
CA SER A 460 16.01 3.90 -13.76
C SER A 460 16.74 3.82 -12.43
N ALA A 461 17.38 2.69 -12.13
CA ALA A 461 18.17 2.60 -10.90
C ALA A 461 19.33 3.60 -10.91
N LYS A 462 19.93 3.77 -12.09
CA LYS A 462 21.06 4.68 -12.22
C LYS A 462 20.61 6.12 -12.06
N VAL A 463 19.49 6.47 -12.69
CA VAL A 463 18.94 7.82 -12.58
C VAL A 463 18.48 8.11 -11.15
N LEU A 464 17.81 7.15 -10.51
CA LEU A 464 17.40 7.37 -9.12
C LEU A 464 18.61 7.48 -8.21
N ALA A 465 19.67 6.72 -8.46
CA ALA A 465 20.89 6.87 -7.67
C ALA A 465 21.47 8.28 -7.82
N GLU A 466 21.46 8.80 -9.04
CA GLU A 466 21.93 10.15 -9.30
C GLU A 466 21.08 11.17 -8.54
N ILE A 467 19.75 11.00 -8.57
CA ILE A 467 18.86 11.88 -7.82
C ILE A 467 19.15 11.80 -6.31
N MET A 468 19.30 10.58 -5.79
CA MET A 468 19.55 10.43 -4.37
C MET A 468 20.91 11.00 -3.96
N ASN A 469 21.90 10.86 -4.83
CA ASN A 469 23.23 11.36 -4.54
C ASN A 469 23.30 12.88 -4.57
N THR A 470 22.71 13.48 -5.61
CA THR A 470 22.77 14.92 -5.82
C THR A 470 21.68 15.67 -5.06
N ARG A 471 20.63 14.95 -4.64
CA ARG A 471 19.48 15.52 -3.93
C ARG A 471 18.71 16.54 -4.76
N LYS A 472 18.79 16.38 -6.08
CA LYS A 472 18.08 17.26 -7.00
C LYS A 472 17.67 16.49 -8.25
N ILE A 473 16.76 17.08 -9.01
CA ILE A 473 16.42 16.59 -10.33
C ILE A 473 17.50 17.08 -11.30
N PRO A 474 18.20 16.15 -11.99
CA PRO A 474 19.25 16.59 -12.93
C PRO A 474 18.70 17.50 -14.02
N GLU A 475 19.55 18.45 -14.43
CA GLU A 475 19.17 19.46 -15.40
C GLU A 475 18.52 18.87 -16.65
N ARG A 476 19.02 17.74 -17.13
CA ARG A 476 18.52 17.20 -18.40
C ARG A 476 17.06 16.73 -18.32
N PHE A 477 16.51 16.61 -17.12
CA PHE A 477 15.11 16.20 -16.94
C PHE A 477 14.21 17.36 -16.58
N ARG A 478 14.75 18.57 -16.47
CA ARG A 478 13.94 19.73 -16.11
C ARG A 478 13.16 20.25 -17.30
N ASP A 479 12.05 20.94 -17.04
CA ASP A 479 11.24 21.51 -18.11
C ASP A 479 12.02 22.50 -18.95
#